data_7RV8
#
_entry.id   7RV8
#
_cell.length_a   30.768
_cell.length_b   72.566
_cell.length_c   55.128
_cell.angle_alpha   90.000
_cell.angle_beta   105.850
_cell.angle_gamma   90.000
#
_symmetry.space_group_name_H-M   'C 1 2 1'
#
loop_
_entity.id
_entity.type
_entity.pdbx_description
1 polymer 'Isoform 2 of B-cell lymphoma 6 protein'
2 non-polymer N-[5-chloro-2-(morpholin-4-yl)pyridin-4-yl]-2-{5-(3-cyano-4-hydroxy-5-methylphenyl)-3-[3-(1-methyl-1H-pyrazol-4-yl)prop-2-yn-1-yl]-4-oxo-3,4-dihydro-7H-pyrrolo[2,3-d]pyrimidin-7-yl}acetamide
3 non-polymer 'DIMETHYL SULFOXIDE'
4 water water
#
_entity_poly.entity_id   1
_entity_poly.type   'polypeptide(L)'
_entity_poly.pdbx_seq_one_letter_code
;GSADSQIQFTRHASDVLLNLNRLRSRDILTDVVIVVSREQFRAHKTVLMACSGLFYSIFTDQLKRNLSVINLDPEINPEG
FNILLDFMYTSRLNLREGNIMAVMATAMYLQMEHVVDTCRKFIKASE
;
_entity_poly.pdbx_strand_id   A
#
loop_
_chem_comp.id
_chem_comp.type
_chem_comp.name
_chem_comp.formula
7ST non-polymer N-[5-chloro-2-(morpholin-4-yl)pyridin-4-yl]-2-{5-(3-cyano-4-hydroxy-5-methylphenyl)-3-[3-(1-methyl-1H-pyrazol-4-yl)prop-2-yn-1-yl]-4-oxo-3,4-dihydro-7H-pyrrolo[2,3-d]pyrimidin-7-yl}acetamide 'C32 H28 Cl N9 O4'
DMS non-polymer 'DIMETHYL SULFOXIDE' 'C2 H6 O S'
#
# COMPACT_ATOMS: atom_id res chain seq x y z
N SER A 5 -6.13 -22.33 22.16
CA SER A 5 -6.26 -23.78 21.88
C SER A 5 -6.11 -24.15 20.39
N GLN A 6 -6.22 -23.16 19.49
CA GLN A 6 -6.11 -23.41 18.06
C GLN A 6 -4.62 -23.65 17.67
N ILE A 7 -4.43 -24.50 16.66
CA ILE A 7 -3.14 -24.72 16.08
C ILE A 7 -2.81 -23.50 15.24
N GLN A 8 -1.59 -22.99 15.37
CA GLN A 8 -1.18 -21.78 14.68
CA GLN A 8 -1.16 -21.78 14.70
C GLN A 8 -0.31 -22.15 13.49
N PHE A 9 -0.62 -21.58 12.33
CA PHE A 9 0.14 -21.77 11.10
C PHE A 9 0.95 -20.52 10.84
N THR A 10 2.25 -20.58 11.16
CA THR A 10 3.06 -19.36 11.24
C THR A 10 3.41 -18.78 9.88
N ARG A 11 3.26 -19.55 8.80
CA ARG A 11 3.57 -19.01 7.47
C ARG A 11 2.30 -18.69 6.66
N HIS A 12 1.13 -18.95 7.24
CA HIS A 12 -0.11 -18.81 6.48
C HIS A 12 -0.35 -17.38 6.02
N ALA A 13 -0.20 -16.40 6.92
CA ALA A 13 -0.50 -15.01 6.53
C ALA A 13 0.42 -14.53 5.41
N SER A 14 1.72 -14.83 5.52
CA SER A 14 2.66 -14.44 4.47
CA SER A 14 2.71 -14.49 4.49
C SER A 14 2.35 -15.17 3.14
N ASP A 15 1.93 -16.43 3.23
CA ASP A 15 1.53 -17.16 2.06
C ASP A 15 0.27 -16.57 1.40
N VAL A 16 -0.70 -16.15 2.23
CA VAL A 16 -1.85 -15.47 1.70
C VAL A 16 -1.43 -14.19 0.96
N LEU A 17 -0.59 -13.38 1.59
CA LEU A 17 -0.21 -12.11 1.00
C LEU A 17 0.53 -12.34 -0.33
N LEU A 18 1.42 -13.32 -0.37
CA LEU A 18 2.11 -13.67 -1.61
C LEU A 18 1.11 -14.03 -2.71
N ASN A 19 0.12 -14.83 -2.37
CA ASN A 19 -0.88 -15.19 -3.34
C ASN A 19 -1.74 -14.01 -3.79
N LEU A 20 -2.03 -13.08 -2.86
CA LEU A 20 -2.75 -11.86 -3.26
C LEU A 20 -1.89 -11.03 -4.24
N ASN A 21 -0.59 -10.92 -3.99
CA ASN A 21 0.27 -10.22 -4.91
C ASN A 21 0.33 -10.91 -6.27
N ARG A 22 0.31 -12.25 -6.27
CA ARG A 22 0.26 -12.97 -7.51
C ARG A 22 -1.02 -12.68 -8.28
N LEU A 23 -2.15 -12.60 -7.57
CA LEU A 23 -3.38 -12.21 -8.24
C LEU A 23 -3.26 -10.79 -8.81
N ARG A 24 -2.65 -9.85 -8.06
CA ARG A 24 -2.50 -8.49 -8.57
C ARG A 24 -1.68 -8.51 -9.86
N SER A 25 -0.59 -9.29 -9.87
CA SER A 25 0.31 -9.38 -11.03
C SER A 25 -0.37 -9.90 -12.27
N ARG A 26 -1.44 -10.64 -12.10
CA ARG A 26 -2.23 -11.17 -13.19
C ARG A 26 -3.55 -10.43 -13.41
N ASP A 27 -3.74 -9.33 -12.69
CA ASP A 27 -4.96 -8.54 -12.76
C ASP A 27 -6.19 -9.36 -12.49
N ILE A 28 -6.12 -10.28 -11.54
CA ILE A 28 -7.25 -11.11 -11.19
C ILE A 28 -8.01 -10.53 -10.00
N LEU A 29 -9.26 -10.13 -10.26
CA LEU A 29 -10.18 -9.60 -9.24
C LEU A 29 -9.76 -8.24 -8.67
N THR A 30 -8.81 -7.59 -9.34
CA THR A 30 -8.54 -6.19 -9.03
C THR A 30 -9.80 -5.38 -9.33
N ASP A 31 -10.05 -4.40 -8.51
CA ASP A 31 -11.31 -3.67 -8.58
C ASP A 31 -11.14 -2.16 -8.49
N VAL A 32 -9.92 -1.66 -8.59
CA VAL A 32 -9.72 -0.21 -8.60
C VAL A 32 -8.44 0.08 -9.37
N VAL A 33 -8.38 1.25 -9.99
CA VAL A 33 -7.13 1.81 -10.52
C VAL A 33 -6.88 3.07 -9.72
N ILE A 34 -5.66 3.18 -9.24
CA ILE A 34 -5.18 4.36 -8.56
C ILE A 34 -4.35 5.16 -9.54
N VAL A 35 -4.75 6.41 -9.76
CA VAL A 35 -4.12 7.29 -10.74
C VAL A 35 -3.24 8.25 -9.98
N VAL A 36 -1.94 8.27 -10.33
CA VAL A 36 -0.97 9.10 -9.66
C VAL A 36 -0.26 9.85 -10.78
N SER A 37 -0.67 11.06 -11.04
CA SER A 37 -0.09 11.87 -12.09
C SER A 37 -0.20 11.15 -13.44
N ARG A 38 0.87 10.79 -14.15
CA ARG A 38 0.69 10.19 -15.45
C ARG A 38 0.66 8.67 -15.38
N GLU A 39 0.76 8.08 -14.18
CA GLU A 39 0.77 6.63 -14.01
C GLU A 39 -0.51 6.07 -13.38
N GLN A 40 -0.77 4.80 -13.65
CA GLN A 40 -1.93 4.09 -13.13
C GLN A 40 -1.48 2.77 -12.52
N PHE A 41 -2.11 2.41 -11.41
CA PHE A 41 -1.81 1.19 -10.71
C PHE A 41 -3.07 0.48 -10.29
N ARG A 42 -3.23 -0.76 -10.75
CA ARG A 42 -4.40 -1.56 -10.36
C ARG A 42 -4.14 -2.26 -9.04
N ALA A 43 -5.20 -2.47 -8.27
CA ALA A 43 -5.13 -3.08 -6.96
C ALA A 43 -6.43 -3.67 -6.50
N HIS A 44 -6.38 -4.34 -5.36
CA HIS A 44 -7.57 -4.81 -4.67
C HIS A 44 -7.91 -3.85 -3.57
N LYS A 45 -9.12 -3.31 -3.59
CA LYS A 45 -9.51 -2.39 -2.55
C LYS A 45 -9.38 -2.95 -1.15
N THR A 46 -9.62 -4.24 -0.98
CA THR A 46 -9.50 -4.83 0.36
C THR A 46 -8.08 -4.73 0.90
N VAL A 47 -7.09 -4.97 0.04
CA VAL A 47 -5.72 -4.86 0.48
C VAL A 47 -5.38 -3.39 0.81
N LEU A 48 -5.79 -2.48 -0.06
CA LEU A 48 -5.56 -1.06 0.19
C LEU A 48 -6.13 -0.64 1.54
N MET A 49 -7.37 -1.05 1.81
CA MET A 49 -8.03 -0.72 3.07
C MET A 49 -7.31 -1.32 4.25
N ALA A 50 -6.78 -2.52 4.08
CA ALA A 50 -6.05 -3.22 5.15
C ALA A 50 -4.75 -2.55 5.53
N CYS A 51 -4.20 -1.74 4.61
CA CYS A 51 -2.85 -1.20 4.78
C CYS A 51 -2.76 0.32 4.87
N SER A 52 -3.85 1.05 4.61
CA SER A 52 -3.78 2.49 4.49
C SER A 52 -4.97 3.14 5.15
N GLY A 53 -4.74 4.10 6.05
CA GLY A 53 -5.83 4.87 6.63
C GLY A 53 -6.58 5.68 5.60
N LEU A 54 -5.86 6.21 4.59
CA LEU A 54 -6.52 6.97 3.55
C LEU A 54 -7.50 6.06 2.80
N PHE A 55 -7.01 4.92 2.30
CA PHE A 55 -7.90 4.06 1.53
C PHE A 55 -9.00 3.44 2.38
N TYR A 56 -8.71 3.11 3.62
CA TYR A 56 -9.75 2.66 4.58
C TYR A 56 -10.86 3.69 4.65
N SER A 57 -10.49 4.96 4.85
N SER A 57 -10.49 4.96 4.85
CA SER A 57 -11.50 5.99 5.07
CA SER A 57 -11.45 6.02 5.07
C SER A 57 -12.31 6.24 3.80
C SER A 57 -12.29 6.29 3.81
N ILE A 58 -11.68 6.13 2.64
CA ILE A 58 -12.37 6.28 1.37
C ILE A 58 -13.39 5.15 1.20
N PHE A 59 -12.92 3.89 1.15
CA PHE A 59 -13.81 2.82 0.76
C PHE A 59 -14.79 2.37 1.83
N THR A 60 -14.54 2.66 3.11
CA THR A 60 -15.57 2.35 4.14
C THR A 60 -16.80 3.16 3.93
N ASP A 61 -16.66 4.36 3.36
CA ASP A 61 -17.80 5.23 3.18
C ASP A 61 -18.65 4.74 2.02
N GLN A 62 -19.93 4.49 2.29
CA GLN A 62 -20.80 3.94 1.28
C GLN A 62 -20.93 4.86 0.06
N LEU A 63 -20.65 6.13 0.28
CA LEU A 63 -20.62 7.10 -0.82
C LEU A 63 -19.55 6.79 -1.82
N LYS A 64 -18.45 6.17 -1.37
CA LYS A 64 -17.26 6.02 -2.22
C LYS A 64 -16.83 4.55 -2.41
N ARG A 65 -17.50 3.67 -1.73
CA ARG A 65 -17.08 2.30 -1.72
C ARG A 65 -16.97 1.66 -3.11
N ASN A 66 -17.89 2.01 -4.01
CA ASN A 66 -17.96 1.40 -5.33
C ASN A 66 -17.13 2.12 -6.42
N LEU A 67 -16.37 3.15 -6.05
CA LEU A 67 -15.53 3.84 -7.01
C LEU A 67 -14.55 2.85 -7.66
N SER A 68 -14.37 2.96 -8.96
CA SER A 68 -13.39 2.12 -9.68
C SER A 68 -12.09 2.83 -10.01
N VAL A 69 -12.08 4.14 -9.82
CA VAL A 69 -10.91 4.99 -10.10
C VAL A 69 -10.75 5.94 -8.93
N ILE A 70 -9.53 6.03 -8.40
CA ILE A 70 -9.18 7.01 -7.38
C ILE A 70 -8.03 7.82 -7.91
N ASN A 71 -8.19 9.13 -7.98
CA ASN A 71 -7.14 10.05 -8.36
C ASN A 71 -6.47 10.62 -7.12
N LEU A 72 -5.22 10.27 -6.91
CA LEU A 72 -4.46 10.81 -5.82
C LEU A 72 -4.06 12.24 -6.06
N ASP A 73 -3.74 12.93 -4.98
CA ASP A 73 -3.16 14.28 -5.03
C ASP A 73 -2.05 14.32 -6.09
N PRO A 74 -2.11 15.30 -7.02
CA PRO A 74 -1.12 15.37 -8.11
C PRO A 74 0.31 15.62 -7.61
N GLU A 75 0.46 16.04 -6.36
CA GLU A 75 1.80 16.23 -5.78
C GLU A 75 2.49 14.95 -5.39
N ILE A 76 1.77 13.83 -5.35
CA ILE A 76 2.32 12.55 -4.94
C ILE A 76 3.21 12.00 -6.02
N ASN A 77 4.43 11.61 -5.61
CA ASN A 77 5.41 11.02 -6.49
C ASN A 77 5.00 9.58 -6.86
N PRO A 78 4.84 9.28 -8.17
CA PRO A 78 4.42 7.92 -8.55
C PRO A 78 5.37 6.82 -8.08
N GLU A 79 6.67 7.08 -8.15
CA GLU A 79 7.65 6.09 -7.66
C GLU A 79 7.42 5.80 -6.18
N GLY A 80 7.24 6.85 -5.38
CA GLY A 80 6.97 6.68 -3.97
C GLY A 80 5.71 5.89 -3.74
N PHE A 81 4.65 6.16 -4.50
CA PHE A 81 3.46 5.38 -4.38
C PHE A 81 3.72 3.90 -4.71
N ASN A 82 4.40 3.65 -5.81
CA ASN A 82 4.72 2.29 -6.24
C ASN A 82 5.46 1.51 -5.16
N ILE A 83 6.42 2.16 -4.51
CA ILE A 83 7.16 1.53 -3.43
C ILE A 83 6.23 1.10 -2.29
N LEU A 84 5.30 1.96 -1.96
CA LEU A 84 4.37 1.66 -0.89
C LEU A 84 3.33 0.61 -1.24
N LEU A 85 2.84 0.65 -2.48
CA LEU A 85 1.95 -0.37 -2.99
C LEU A 85 2.63 -1.76 -2.95
N ASP A 86 3.87 -1.81 -3.40
CA ASP A 86 4.62 -3.06 -3.31
C ASP A 86 4.78 -3.51 -1.87
N PHE A 87 5.09 -2.58 -0.97
CA PHE A 87 5.15 -2.90 0.47
C PHE A 87 3.85 -3.52 0.97
N MET A 88 2.72 -2.95 0.59
CA MET A 88 1.43 -3.45 1.06
C MET A 88 1.29 -4.93 0.72
N TYR A 89 1.74 -5.30 -0.47
CA TYR A 89 1.57 -6.65 -0.96
C TYR A 89 2.72 -7.60 -0.66
N THR A 90 3.78 -7.13 0.01
CA THR A 90 4.97 -7.96 0.22
C THR A 90 5.57 -7.94 1.62
N SER A 91 5.24 -6.93 2.41
CA SER A 91 5.88 -6.70 3.70
C SER A 91 7.33 -6.22 3.61
N ARG A 92 7.81 -5.93 2.40
N ARG A 92 7.77 -5.84 2.41
CA ARG A 92 9.19 -5.48 2.17
CA ARG A 92 9.13 -5.44 2.17
C ARG A 92 9.16 -4.02 1.71
C ARG A 92 9.16 -4.01 1.69
N LEU A 93 9.93 -3.17 2.38
CA LEU A 93 9.97 -1.76 2.07
C LEU A 93 11.33 -1.40 1.51
N ASN A 94 11.34 -0.94 0.28
CA ASN A 94 12.58 -0.56 -0.41
C ASN A 94 12.91 0.91 -0.12
N LEU A 95 13.55 1.18 1.02
CA LEU A 95 13.99 2.55 1.38
C LEU A 95 15.47 2.76 1.04
N ARG A 96 15.78 3.88 0.40
CA ARG A 96 17.11 4.24 -0.03
C ARG A 96 17.28 5.72 0.29
N GLU A 97 18.48 6.22 0.12
CA GLU A 97 18.74 7.62 0.35
C GLU A 97 18.03 8.46 -0.66
N GLY A 98 18.00 7.98 -1.90
CA GLY A 98 17.39 8.66 -2.99
C GLY A 98 15.85 8.66 -2.99
N ASN A 99 15.21 7.84 -2.18
CA ASN A 99 13.75 7.83 -2.18
C ASN A 99 13.13 8.09 -0.81
N ILE A 100 13.91 8.23 0.24
CA ILE A 100 13.33 8.25 1.58
C ILE A 100 12.33 9.38 1.76
N MET A 101 12.68 10.58 1.30
CA MET A 101 11.79 11.72 1.56
C MET A 101 10.45 11.53 0.85
N ALA A 102 10.49 11.11 -0.41
CA ALA A 102 9.29 10.90 -1.19
C ALA A 102 8.45 9.80 -0.58
N VAL A 103 9.10 8.72 -0.15
CA VAL A 103 8.40 7.60 0.45
C VAL A 103 7.75 7.99 1.77
N MET A 104 8.50 8.72 2.59
CA MET A 104 7.95 9.19 3.87
C MET A 104 6.73 10.12 3.66
N ALA A 105 6.85 11.08 2.75
CA ALA A 105 5.73 12.00 2.52
C ALA A 105 4.53 11.26 1.95
N THR A 106 4.79 10.30 1.05
CA THR A 106 3.69 9.52 0.49
C THR A 106 3.03 8.65 1.58
N ALA A 107 3.82 8.05 2.48
CA ALA A 107 3.27 7.27 3.56
C ALA A 107 2.46 8.09 4.54
N MET A 108 2.86 9.33 4.78
CA MET A 108 2.05 10.24 5.59
C MET A 108 0.68 10.46 4.93
N TYR A 109 0.70 10.77 3.64
CA TYR A 109 -0.53 11.00 2.88
C TYR A 109 -1.42 9.76 2.88
N LEU A 110 -0.82 8.58 2.71
CA LEU A 110 -1.60 7.33 2.70
C LEU A 110 -2.00 6.87 4.11
N GLN A 111 -1.48 7.54 5.13
CA GLN A 111 -1.75 7.22 6.51
C GLN A 111 -1.30 5.80 6.83
N MET A 112 0.00 5.61 6.72
CA MET A 112 0.67 4.32 7.00
C MET A 112 1.73 4.57 8.07
N GLU A 113 1.32 4.55 9.33
CA GLU A 113 2.19 5.05 10.41
C GLU A 113 3.47 4.26 10.59
N HIS A 114 3.40 2.94 10.47
CA HIS A 114 4.59 2.12 10.76
C HIS A 114 5.66 2.44 9.73
N VAL A 115 5.26 2.64 8.48
CA VAL A 115 6.21 3.04 7.46
C VAL A 115 6.77 4.44 7.79
N VAL A 116 5.91 5.38 8.16
CA VAL A 116 6.39 6.73 8.49
C VAL A 116 7.41 6.67 9.63
N ASP A 117 7.09 5.91 10.67
CA ASP A 117 8.01 5.76 11.80
C ASP A 117 9.35 5.10 11.36
N THR A 118 9.27 4.08 10.52
CA THR A 118 10.46 3.46 9.94
C THR A 118 11.27 4.44 9.12
N CYS A 119 10.61 5.33 8.38
CA CYS A 119 11.30 6.38 7.66
C CYS A 119 12.04 7.30 8.64
N ARG A 120 11.40 7.63 9.76
CA ARG A 120 12.03 8.46 10.81
C ARG A 120 13.26 7.73 11.36
N LYS A 121 13.15 6.42 11.54
CA LYS A 121 14.33 5.63 11.96
C LYS A 121 15.47 5.65 10.92
N PHE A 122 15.04 5.59 9.65
CA PHE A 122 16.03 5.61 8.55
C PHE A 122 16.78 6.93 8.52
N ILE A 123 16.05 8.02 8.70
CA ILE A 123 16.66 9.34 8.77
C ILE A 123 17.64 9.42 9.94
N LYS A 124 17.22 8.96 11.11
CA LYS A 124 18.07 9.00 12.30
C LYS A 124 19.38 8.21 12.10
N ALA A 125 19.25 7.08 11.41
CA ALA A 125 20.42 6.23 11.17
C ALA A 125 21.31 6.71 10.00
N SER A 126 21.00 7.86 9.41
CA SER A 126 21.91 8.50 8.45
C SER A 126 21.96 10.01 8.71
C01 7ST B . -0.84 -3.65 8.04
C02 7ST B . -0.57 -2.16 8.05
C03 7ST B . -1.68 -1.34 8.23
C04 7ST B . -1.59 0.06 8.28
C05 7ST B . -0.38 0.66 8.10
C06 7ST B . 0.72 -0.16 7.91
C07 7ST B . 1.99 0.60 7.76
N08 7ST B . 2.93 1.18 7.65
C09 7ST B . 0.70 -1.56 7.88
O10 7ST B . 1.91 -2.28 7.70
C11 7ST B . -2.78 0.79 8.43
C12 7ST B . -3.99 0.36 7.93
N13 7ST B . -4.92 1.25 8.17
C14 7ST B . -6.29 1.13 7.79
C15 7ST B . -7.08 0.41 8.84
O16 7ST B . -6.90 0.58 9.99
N17 7ST B . -8.05 -0.51 8.33
C18 7ST B . -8.95 -1.31 9.16
C19 7ST B . -9.20 -1.08 10.51
C20 7ST B . -10.09 -1.90 11.21
N21 7ST B . -10.68 -2.90 10.59
C22 7ST B . -10.47 -3.19 9.29
C23 7ST B . -9.61 -2.40 8.56
CL24 7ST B . -9.31 -2.74 6.82
N25 7ST B . -10.36 -1.61 12.63
C26 7ST B . -10.16 -2.57 13.70
C27 7ST B . -11.19 -2.44 14.82
O28 7ST B . -11.20 -1.18 15.36
C29 7ST B . -11.23 -0.12 14.44
C30 7ST B . -10.33 -0.27 13.20
C31 7ST B . -4.39 2.28 8.82
N32 7ST B . -5.09 3.46 9.25
C33 7ST B . -4.32 4.43 9.93
N34 7ST B . -2.93 4.25 10.12
C35 7ST B . -2.26 5.26 10.89
C36 7ST B . -1.59 6.46 10.34
C37 7ST B . -1.05 7.42 9.94
C38 7ST B . -0.36 8.64 9.48
C39 7ST B . 1.01 8.81 9.31
N40 7ST B . 1.17 10.07 8.93
N41 7ST B . -0.06 10.66 8.81
C42 7ST B . -0.30 12.03 8.44
C43 7ST B . -0.98 9.82 9.20
C44 7ST B . -2.24 3.10 9.71
O45 7ST B . -1.09 3.07 9.91
C46 7ST B . -3.03 2.06 8.97
H011 7ST B . 0.10 -4.20 8.13
H012 7ST B . -1.34 -3.92 7.10
H013 7ST B . -1.49 -3.89 8.88
H031 7ST B . -2.64 -1.81 8.36
H051 7ST B . -0.28 1.73 8.11
H101 7ST B . 2.65 -1.66 7.60
H121 7ST B . -4.16 -0.56 7.39
H141 7ST B . -6.33 0.57 6.84
H142 7ST B . -6.72 2.12 7.63
H171 7ST B . -8.14 -0.59 7.33
H191 7ST B . -8.74 -0.25 11.03
H221 7ST B . -10.97 -4.02 8.82
H261 7ST B . -9.15 -2.45 14.12
H262 7ST B . -10.26 -3.57 13.28
H272 7ST B . -12.19 -2.66 14.41
H271 7ST B . -10.97 -3.17 15.60
H291 7ST B . -12.25 0.01 14.09
H292 7ST B . -10.93 0.79 14.96
H302 7ST B . -9.30 -0.03 13.47
H301 7ST B . -10.67 0.45 12.44
H331 7ST B . -4.80 5.32 10.30
H352 7ST B . -3.01 5.64 11.60
H351 7ST B . -1.51 4.74 11.50
H391 7ST B . 1.78 8.08 9.47
H423 7ST B . 0.09 12.22 7.43
H422 7ST B . 0.19 12.70 9.15
H421 7ST B . -1.39 12.24 8.45
H431 7ST B . -2.05 10.02 9.23
S DMS C . 1.50 -26.83 11.81
O DMS C . 0.24 -26.09 11.60
C1 DMS C . 2.34 -25.93 12.97
C2 DMS C . 1.18 -28.22 12.73
H11 DMS C . 2.46 -24.94 12.62
H12 DMS C . 1.80 -25.91 13.88
H13 DMS C . 3.29 -26.37 13.13
H21 DMS C . 0.61 -28.91 12.16
H22 DMS C . 2.10 -28.68 13.02
H23 DMS C . 0.63 -27.95 13.59
#